data_9GF5
#
_entry.id   9GF5
#
_cell.length_a   126.615
_cell.length_b   59.604
_cell.length_c   62.508
_cell.angle_alpha   90
_cell.angle_beta   94.34
_cell.angle_gamma   90
#
_symmetry.space_group_name_H-M   'C 1 2 1'
#
loop_
_entity.id
_entity.type
_entity.pdbx_description
1 polymer 'ASO Fab fragment heavy chain'
2 polymer 'ASO Fab fragment light chain'
3 non-polymer 1,2-ETHANEDIOL
4 non-polymer 'PHOSPHATE ION'
5 non-polymer '4-(2-HYDROXYETHYL)-1-PIPERAZINE ETHANESULFONIC ACID'
6 non-polymer 1-[(2R,4S,5R)-4-[[(1R,3R,4R,7S)-7-[[(2R,3S,5R)-5-(6-aminopurin-9-yl)-3-[[(2R,3S,5R)-5-(4-azanyl-2-oxidanylidene-pyrimidin-1-yl)-3-oxidanyl-oxolan-2-yl]methoxy-sulfanyl-phosphoryl]oxy-oxolan-2-yl]methoxy-sulfanyl-phosphoryl]oxy-3-(4-azanyl-5-methyl-2-oxidanylidene-pyrimidin-1-yl)-2,5-dioxabicyclo[2.2.1]heptan-1-yl]methoxy-sulfanyl-phosphoryl]oxy-5-(hydroxymethyl)oxolan-2-yl]-5-methyl-pyrimidine-2,4-dione
7 water water
#
loop_
_entity_poly.entity_id
_entity_poly.type
_entity_poly.pdbx_seq_one_letter_code
_entity_poly.pdbx_strand_id
1 'polypeptide(L)'
;(PCA)VQLQQSGAELVRPGTSVKVSCKASGYAFTNYLIEWIKQRPGQGLEWIGVINPGSGGTNYNEKFRVKATLTADKSS
STAYMQLSSLTSDDSAVYFCARGGGYYWGQGTLVTVSAASTKGPSVFPLAPSSKSTSGGTAALGCLVKDYFPEPVTVSWN
SGALTSGVHTFPAVLQSSGLYSLSSVVTVPSSSLGTQTYICNVNHKPSNTKVDKKVEPKSCGGGGSEPEA
;
H
2 'polypeptide(L)'
;DIVMTQAAPSVPVTPGESVSISCRSSKSLLHSNGNTYLFWFLQRPGQSPQVLIYRMSNLASGVPDRFSGSGSGTAFTLRI
SRVEAEDVGVYYCMQHLEYPYTFGSGTRLEIKRTVAAPSVFIFPPSDEQLKSGTASVVCLLNNFYPREAKVQWKVDNALQ
SGNSQESVTEQDSKDSTYSLSSTLTLSKADYEKHKVYACEVTHQGLSSPVTKSFNRGEC
;
L
#
loop_
_chem_comp.id
_chem_comp.type
_chem_comp.name
_chem_comp.formula
A1IKQ non-polymer 1-[(2R,4S,5R)-4-[[(1R,3R,4R,7S)-7-[[(2R,3S,5R)-5-(6-aminopurin-9-yl)-3-[[(2R,3S,5R)-5-(4-azanyl-2-oxidanylidene-pyrimidin-1-yl)-3-oxidanyl-oxolan-2-yl]methoxy-sulfanyl-phosphoryl]oxy-oxolan-2-yl]methoxy-sulfanyl-phosphoryl]oxy-3-(4-azanyl-5-methyl-2-oxidanylidene-pyrimidin-1-yl)-2,5-dioxabicyclo[2.2.1]heptan-1-yl]methoxy-sulfanyl-phosphoryl]oxy-5-(hydroxymethyl)oxolan-2-yl]-5-methyl-pyrimidine-2,4-dione 'C40 H52 N13 O20 P3 S3'
EDO non-polymer 1,2-ETHANEDIOL 'C2 H6 O2'
EPE non-polymer '4-(2-HYDROXYETHYL)-1-PIPERAZINE ETHANESULFONIC ACID' 'C8 H18 N2 O4 S'
PO4 non-polymer 'PHOSPHATE ION' 'O4 P -3'
#
# COMPACT_ATOMS: atom_id res chain seq x y z
N PCA A 1 20.20 15.55 10.64
CA PCA A 1 19.23 14.50 10.33
CB PCA A 1 17.88 15.12 10.64
CG PCA A 1 18.24 16.20 11.67
CD PCA A 1 19.71 16.38 11.52
OE PCA A 1 20.38 17.23 12.10
C PCA A 1 19.43 14.05 8.88
O PCA A 1 19.45 14.86 7.97
N VAL A 2 19.66 12.75 8.69
CA VAL A 2 19.89 12.16 7.39
C VAL A 2 18.63 12.06 6.54
N GLN A 3 18.78 12.30 5.25
CA GLN A 3 17.70 12.12 4.30
C GLN A 3 18.25 11.59 3.01
N LEU A 4 17.51 10.62 2.41
CA LEU A 4 17.78 10.14 1.07
C LEU A 4 16.52 10.53 0.29
N GLN A 5 16.64 11.51 -0.61
CA GLN A 5 15.50 12.03 -1.33
C GLN A 5 15.50 11.45 -2.73
N GLN A 6 14.47 10.66 -3.06
CA GLN A 6 14.37 10.07 -4.38
C GLN A 6 13.55 10.92 -5.35
N SER A 7 13.82 10.73 -6.65
CA SER A 7 13.11 11.46 -7.69
C SER A 7 11.65 10.99 -7.78
N GLY A 8 10.81 11.84 -8.38
CA GLY A 8 9.40 11.56 -8.46
C GLY A 8 9.02 10.40 -9.35
N ALA A 9 7.74 10.02 -9.27
CA ALA A 9 7.15 8.92 -10.06
C ALA A 9 7.33 9.15 -11.53
N GLU A 10 7.53 8.05 -12.26
CA GLU A 10 7.82 8.10 -13.68
C GLU A 10 6.83 7.26 -14.44
N LEU A 11 6.29 7.76 -15.57
CA LEU A 11 5.45 7.02 -16.48
C LEU A 11 6.32 6.98 -17.76
N VAL A 12 6.82 5.79 -18.12
CA VAL A 12 7.77 5.63 -19.22
C VAL A 12 7.34 4.55 -20.20
N ARG A 13 7.68 4.76 -21.48
CA ARG A 13 7.27 3.82 -22.51
C ARG A 13 8.09 2.53 -22.52
N PRO A 14 7.43 1.42 -22.89
CA PRO A 14 8.17 0.15 -23.04
C PRO A 14 9.30 0.30 -24.08
N GLY A 15 10.43 -0.37 -23.82
CA GLY A 15 11.58 -0.31 -24.71
C GLY A 15 12.52 0.85 -24.44
N THR A 16 12.07 1.85 -23.63
CA THR A 16 12.91 3.01 -23.35
C THR A 16 13.76 2.76 -22.07
N SER A 17 14.44 3.81 -21.60
CA SER A 17 15.25 3.74 -20.39
CA SER A 17 15.27 3.75 -20.42
C SER A 17 14.76 4.78 -19.41
N VAL A 18 14.93 4.49 -18.12
CA VAL A 18 14.53 5.45 -17.07
C VAL A 18 15.72 5.58 -16.13
N LYS A 19 15.95 6.78 -15.59
CA LYS A 19 17.05 7.02 -14.67
C LYS A 19 16.47 7.69 -13.43
N VAL A 20 16.53 6.99 -12.31
CA VAL A 20 16.03 7.45 -11.04
C VAL A 20 17.18 7.92 -10.15
N SER A 21 16.93 8.96 -9.35
CA SER A 21 17.99 9.51 -8.50
C SER A 21 17.65 9.38 -7.01
N CYS A 22 18.70 9.48 -6.16
CA CYS A 22 18.66 9.32 -4.72
C CYS A 22 19.67 10.32 -4.19
N LYS A 23 19.19 11.48 -3.74
CA LYS A 23 20.05 12.57 -3.25
C LYS A 23 20.22 12.48 -1.75
N ALA A 24 21.47 12.38 -1.30
CA ALA A 24 21.76 12.26 0.12
C ALA A 24 22.10 13.57 0.78
N SER A 25 21.62 13.72 2.01
CA SER A 25 21.93 14.88 2.84
C SER A 25 22.04 14.45 4.33
N GLY A 26 22.69 15.29 5.14
CA GLY A 26 22.81 15.02 6.56
C GLY A 26 23.96 14.12 6.96
N TYR A 27 24.83 13.74 6.00
CA TYR A 27 26.00 12.90 6.23
C TYR A 27 26.98 12.98 5.04
N ALA A 28 28.19 12.41 5.18
CA ALA A 28 29.19 12.39 4.11
C ALA A 28 28.87 11.29 3.14
N PHE A 29 28.25 11.67 2.01
CA PHE A 29 27.82 10.73 0.97
C PHE A 29 28.87 9.69 0.55
N THR A 30 30.12 10.11 0.36
CA THR A 30 31.14 9.18 -0.10
C THR A 30 31.61 8.20 0.96
N ASN A 31 31.15 8.30 2.23
CA ASN A 31 31.61 7.38 3.27
C ASN A 31 30.74 6.15 3.47
N TYR A 32 29.62 6.03 2.71
CA TYR A 32 28.72 4.90 2.90
C TYR A 32 28.24 4.38 1.55
N LEU A 33 27.97 3.08 1.47
CA LEU A 33 27.46 2.49 0.25
C LEU A 33 25.99 2.89 0.02
N ILE A 34 25.50 2.75 -1.20
CA ILE A 34 24.09 2.95 -1.52
C ILE A 34 23.62 1.68 -2.20
N GLU A 35 22.54 1.10 -1.68
CA GLU A 35 21.95 -0.14 -2.22
C GLU A 35 20.61 0.20 -2.86
N TRP A 36 20.21 -0.60 -3.87
CA TRP A 36 18.96 -0.38 -4.60
C TRP A 36 18.11 -1.60 -4.53
N ILE A 37 16.83 -1.38 -4.23
CA ILE A 37 15.84 -2.46 -3.97
C ILE A 37 14.61 -2.27 -4.82
N LYS A 38 14.09 -3.34 -5.39
CA LYS A 38 12.87 -3.30 -6.21
C LYS A 38 11.69 -3.95 -5.43
N GLN A 39 10.50 -3.34 -5.54
CA GLN A 39 9.31 -3.94 -4.93
C GLN A 39 8.17 -3.85 -5.88
N ARG A 40 7.82 -5.00 -6.47
CA ARG A 40 6.66 -5.07 -7.34
C ARG A 40 5.38 -4.85 -6.50
N PRO A 41 4.33 -4.27 -7.08
CA PRO A 41 3.08 -4.02 -6.33
C PRO A 41 2.52 -5.24 -5.61
N GLY A 42 2.31 -5.11 -4.30
CA GLY A 42 1.79 -6.20 -3.47
C GLY A 42 2.76 -7.36 -3.28
N GLN A 43 4.03 -7.20 -3.71
CA GLN A 43 5.02 -8.27 -3.58
C GLN A 43 6.17 -7.89 -2.60
N GLY A 44 7.17 -8.76 -2.46
CA GLY A 44 8.29 -8.53 -1.56
C GLY A 44 9.41 -7.68 -2.12
N LEU A 45 10.57 -7.73 -1.46
CA LEU A 45 11.75 -6.93 -1.77
C LEU A 45 12.77 -7.75 -2.55
N GLU A 46 13.35 -7.15 -3.59
CA GLU A 46 14.36 -7.82 -4.40
C GLU A 46 15.59 -6.89 -4.42
N TRP A 47 16.77 -7.43 -4.16
CA TRP A 47 17.99 -6.61 -4.13
C TRP A 47 18.56 -6.46 -5.58
N ILE A 48 18.77 -5.21 -6.01
CA ILE A 48 19.30 -4.95 -7.34
C ILE A 48 20.83 -4.95 -7.35
N GLY A 49 21.41 -4.16 -6.44
CA GLY A 49 22.84 -4.02 -6.39
C GLY A 49 23.27 -2.90 -5.47
N VAL A 50 24.58 -2.61 -5.50
CA VAL A 50 25.13 -1.63 -4.59
C VAL A 50 26.27 -0.89 -5.25
N ILE A 51 26.43 0.38 -4.86
CA ILE A 51 27.55 1.18 -5.33
C ILE A 51 28.26 1.81 -4.12
N ASN A 52 29.58 1.98 -4.25
CA ASN A 52 30.39 2.70 -3.29
C ASN A 52 30.60 4.07 -3.94
N PRO A 53 29.94 5.12 -3.45
CA PRO A 53 30.07 6.45 -4.08
C PRO A 53 31.48 7.05 -3.98
N GLY A 54 32.29 6.57 -3.07
CA GLY A 54 33.65 7.08 -2.92
C GLY A 54 34.57 6.55 -3.99
N SER A 55 34.42 5.28 -4.38
CA SER A 55 35.29 4.66 -5.36
C SER A 55 34.68 4.46 -6.74
N GLY A 56 33.36 4.40 -6.80
CA GLY A 56 32.66 4.09 -8.04
C GLY A 56 32.43 2.61 -8.25
N GLY A 57 32.94 1.78 -7.35
CA GLY A 57 32.80 0.32 -7.39
C GLY A 57 31.35 -0.13 -7.24
N THR A 58 30.96 -1.12 -7.99
CA THR A 58 29.59 -1.63 -7.96
C THR A 58 29.53 -3.14 -7.89
N ASN A 59 28.40 -3.68 -7.42
CA ASN A 59 28.12 -5.08 -7.50
C ASN A 59 26.65 -5.18 -7.87
N TYR A 60 26.33 -6.08 -8.78
CA TYR A 60 24.97 -6.27 -9.24
C TYR A 60 24.52 -7.66 -8.99
N ASN A 61 23.21 -7.79 -8.71
CA ASN A 61 22.53 -9.06 -8.71
C ASN A 61 22.52 -9.50 -10.19
N GLU A 62 22.85 -10.76 -10.47
CA GLU A 62 22.89 -11.26 -11.86
C GLU A 62 21.58 -10.98 -12.60
N LYS A 63 20.44 -11.11 -11.89
CA LYS A 63 19.13 -10.87 -12.46
C LYS A 63 18.97 -9.44 -12.99
N PHE A 64 19.78 -8.48 -12.53
CA PHE A 64 19.71 -7.07 -12.98
C PHE A 64 20.97 -6.62 -13.74
N ARG A 65 21.94 -7.49 -13.98
CA ARG A 65 23.20 -7.11 -14.64
C ARG A 65 22.96 -6.49 -16.02
N VAL A 66 22.06 -7.08 -16.80
CA VAL A 66 21.79 -6.57 -18.14
C VAL A 66 21.01 -5.28 -18.11
N LYS A 67 20.01 -5.21 -17.23
CA LYS A 67 19.08 -4.09 -17.20
C LYS A 67 19.51 -2.83 -16.46
N ALA A 68 20.23 -2.98 -15.35
CA ALA A 68 20.53 -1.86 -14.46
C ALA A 68 21.95 -1.30 -14.56
N THR A 69 22.09 0.01 -14.35
CA THR A 69 23.40 0.66 -14.26
C THR A 69 23.39 1.62 -13.09
N LEU A 70 24.30 1.41 -12.13
CA LEU A 70 24.43 2.26 -10.94
C LEU A 70 25.58 3.22 -11.12
N THR A 71 25.28 4.49 -10.88
CA THR A 71 26.28 5.56 -10.94
C THR A 71 26.14 6.47 -9.71
N ALA A 72 27.13 7.34 -9.46
CA ALA A 72 27.06 8.29 -8.35
C ALA A 72 27.84 9.53 -8.71
N ASP A 73 27.33 10.69 -8.34
CA ASP A 73 27.96 11.98 -8.58
C ASP A 73 28.35 12.55 -7.21
N LYS A 74 29.65 12.60 -6.91
CA LYS A 74 30.13 13.11 -5.62
C LYS A 74 29.79 14.60 -5.42
N SER A 75 29.89 15.41 -6.47
CA SER A 75 29.63 16.84 -6.34
C SER A 75 28.19 17.19 -5.96
N SER A 76 27.24 16.34 -6.34
CA SER A 76 25.85 16.62 -6.01
C SER A 76 25.29 15.63 -4.97
N SER A 77 26.14 14.75 -4.40
CA SER A 77 25.75 13.74 -3.40
C SER A 77 24.55 12.93 -3.88
N THR A 78 24.55 12.61 -5.17
CA THR A 78 23.42 11.87 -5.75
C THR A 78 23.83 10.52 -6.31
N ALA A 79 23.05 9.49 -6.02
CA ALA A 79 23.24 8.16 -6.58
C ALA A 79 22.12 7.97 -7.66
N TYR A 80 22.44 7.31 -8.76
CA TYR A 80 21.50 7.10 -9.86
C TYR A 80 21.41 5.66 -10.23
N MET A 81 20.20 5.27 -10.63
CA MET A 81 19.99 3.93 -11.15
C MET A 81 19.28 4.08 -12.49
N GLN A 82 19.88 3.56 -13.56
CA GLN A 82 19.26 3.59 -14.87
C GLN A 82 18.80 2.19 -15.20
N LEU A 83 17.55 2.05 -15.68
CA LEU A 83 17.04 0.74 -16.10
C LEU A 83 16.79 0.83 -17.58
N SER A 84 17.27 -0.15 -18.35
CA SER A 84 17.12 -0.12 -19.80
C SER A 84 16.10 -1.18 -20.31
N SER A 85 15.70 -1.08 -21.61
CA SER A 85 14.80 -2.00 -22.32
C SER A 85 13.55 -2.30 -21.47
N LEU A 86 12.87 -1.24 -21.01
CA LEU A 86 11.75 -1.38 -20.06
C LEU A 86 10.60 -2.20 -20.56
N THR A 87 10.09 -3.05 -19.70
CA THR A 87 8.92 -3.88 -19.95
C THR A 87 7.93 -3.66 -18.78
N SER A 88 6.70 -4.17 -18.89
CA SER A 88 5.74 -4.07 -17.79
C SER A 88 6.27 -4.73 -16.51
N ASP A 89 7.15 -5.75 -16.62
CA ASP A 89 7.77 -6.39 -15.44
C ASP A 89 8.66 -5.42 -14.63
N ASP A 90 9.07 -4.31 -15.23
CA ASP A 90 9.87 -3.30 -14.53
C ASP A 90 8.99 -2.27 -13.77
N SER A 91 7.66 -2.34 -13.93
CA SER A 91 6.77 -1.46 -13.19
C SER A 91 6.86 -1.87 -11.71
N ALA A 92 7.33 -0.97 -10.86
CA ALA A 92 7.53 -1.28 -9.44
C ALA A 92 7.92 0.01 -8.71
N VAL A 93 8.02 -0.06 -7.37
CA VAL A 93 8.60 0.98 -6.57
C VAL A 93 10.09 0.60 -6.39
N TYR A 94 10.99 1.55 -6.63
CA TYR A 94 12.40 1.30 -6.44
C TYR A 94 12.86 2.12 -5.25
N PHE A 95 13.57 1.49 -4.32
CA PHE A 95 14.11 2.23 -3.17
C PHE A 95 15.61 2.30 -3.23
N CYS A 96 16.17 3.42 -2.74
CA CYS A 96 17.60 3.45 -2.45
C CYS A 96 17.72 3.37 -0.90
N ALA A 97 18.81 2.80 -0.39
CA ALA A 97 19.02 2.68 1.05
C ALA A 97 20.51 2.86 1.31
N ARG A 98 20.89 3.48 2.42
CA ARG A 98 22.29 3.55 2.79
C ARG A 98 22.68 2.14 3.27
N GLY A 99 23.91 1.73 2.98
CA GLY A 99 24.40 0.38 3.27
C GLY A 99 24.06 -0.12 4.67
N GLY A 100 23.44 -1.29 4.76
CA GLY A 100 22.99 -1.81 6.04
C GLY A 100 21.50 -1.62 6.31
N GLY A 101 20.89 -0.63 5.67
CA GLY A 101 19.45 -0.44 5.77
C GLY A 101 18.84 0.30 6.94
N TYR A 102 19.60 1.23 7.58
CA TYR A 102 19.00 2.04 8.62
C TYR A 102 18.24 3.22 7.95
N TYR A 103 18.85 3.84 6.95
CA TYR A 103 18.25 4.99 6.27
C TYR A 103 17.81 4.57 4.86
N TRP A 104 16.59 4.96 4.49
CA TRP A 104 16.03 4.61 3.21
C TRP A 104 15.43 5.84 2.53
N GLY A 105 15.45 5.83 1.20
CA GLY A 105 14.69 6.81 0.43
C GLY A 105 13.22 6.47 0.52
N GLN A 106 12.35 7.37 0.05
CA GLN A 106 10.91 7.17 0.12
C GLN A 106 10.32 6.30 -0.99
N GLY A 107 11.15 5.90 -1.96
CA GLY A 107 10.74 5.08 -3.10
C GLY A 107 10.34 5.93 -4.29
N THR A 108 10.55 5.39 -5.49
CA THR A 108 10.18 6.03 -6.75
C THR A 108 9.31 5.03 -7.50
N LEU A 109 8.05 5.40 -7.77
CA LEU A 109 7.17 4.52 -8.52
C LEU A 109 7.51 4.64 -10.00
N VAL A 110 7.70 3.50 -10.70
CA VAL A 110 7.97 3.49 -12.12
C VAL A 110 6.85 2.71 -12.77
N THR A 111 6.11 3.34 -13.68
CA THR A 111 5.06 2.65 -14.42
C THR A 111 5.47 2.59 -15.87
N VAL A 112 5.61 1.37 -16.39
CA VAL A 112 5.98 1.16 -17.80
C VAL A 112 4.74 0.91 -18.61
N SER A 113 4.37 1.88 -19.46
CA SER A 113 3.17 1.76 -20.26
C SER A 113 3.21 2.67 -21.43
N ALA A 114 2.55 2.23 -22.49
CA ALA A 114 2.36 3.07 -23.68
C ALA A 114 1.03 3.86 -23.61
N ALA A 115 0.22 3.65 -22.57
CA ALA A 115 -1.07 4.32 -22.43
C ALA A 115 -0.90 5.79 -22.12
N SER A 116 -1.85 6.61 -22.57
CA SER A 116 -1.81 8.04 -22.35
C SER A 116 -2.21 8.39 -20.91
N THR A 117 -1.70 9.52 -20.40
CA THR A 117 -2.13 10.04 -19.11
C THR A 117 -3.60 10.52 -19.23
N LYS A 118 -4.42 10.31 -18.17
CA LYS A 118 -5.82 10.77 -18.21
C LYS A 118 -6.22 11.15 -16.80
N GLY A 119 -6.75 12.36 -16.65
CA GLY A 119 -7.16 12.82 -15.33
C GLY A 119 -8.53 12.28 -14.98
N PRO A 120 -8.77 12.17 -13.68
CA PRO A 120 -10.05 11.60 -13.24
C PRO A 120 -11.21 12.58 -13.24
N SER A 121 -12.42 12.00 -13.15
CA SER A 121 -13.65 12.73 -12.85
C SER A 121 -13.91 12.40 -11.36
N VAL A 122 -14.33 13.38 -10.59
CA VAL A 122 -14.60 13.19 -9.16
C VAL A 122 -16.09 13.38 -8.91
N PHE A 123 -16.70 12.39 -8.29
CA PHE A 123 -18.12 12.43 -7.99
C PHE A 123 -18.35 12.28 -6.50
N PRO A 124 -19.38 12.93 -5.96
CA PRO A 124 -19.65 12.77 -4.52
C PRO A 124 -20.38 11.48 -4.21
N LEU A 125 -20.14 10.96 -3.03
CA LEU A 125 -20.90 9.84 -2.45
C LEU A 125 -21.62 10.55 -1.29
N ALA A 126 -22.77 11.12 -1.59
CA ALA A 126 -23.52 11.96 -0.66
C ALA A 126 -24.07 11.20 0.54
N PRO A 127 -24.01 11.81 1.73
CA PRO A 127 -24.53 11.11 2.92
C PRO A 127 -26.05 10.97 2.86
N SER A 128 -26.57 9.80 3.27
CA SER A 128 -27.99 9.42 3.28
C SER A 128 -28.87 10.30 4.21
N GLY A 135 -26.02 7.68 15.11
CA GLY A 135 -25.59 9.09 15.08
C GLY A 135 -24.38 9.34 14.20
N THR A 136 -24.03 8.40 13.32
CA THR A 136 -22.88 8.53 12.41
C THR A 136 -23.35 8.49 10.97
N ALA A 137 -22.76 9.33 10.10
CA ALA A 137 -23.08 9.32 8.67
C ALA A 137 -21.82 8.99 7.90
N ALA A 138 -21.94 8.30 6.78
CA ALA A 138 -20.82 8.04 5.90
C ALA A 138 -20.99 8.84 4.60
N LEU A 139 -19.91 9.42 4.13
CA LEU A 139 -19.90 10.15 2.87
C LEU A 139 -18.54 9.91 2.25
N GLY A 140 -18.40 10.33 1.00
CA GLY A 140 -17.12 10.14 0.32
C GLY A 140 -17.06 10.74 -1.06
N CYS A 141 -16.03 10.34 -1.78
CA CYS A 141 -15.80 10.76 -3.16
CA CYS A 141 -15.90 10.76 -3.17
C CYS A 141 -15.37 9.57 -3.98
N LEU A 142 -15.87 9.46 -5.20
CA LEU A 142 -15.52 8.42 -6.15
C LEU A 142 -14.62 9.13 -7.20
N VAL A 143 -13.38 8.68 -7.32
CA VAL A 143 -12.36 9.23 -8.21
C VAL A 143 -12.25 8.25 -9.36
N LYS A 144 -12.89 8.59 -10.48
CA LYS A 144 -13.02 7.65 -11.57
C LYS A 144 -12.21 7.96 -12.85
N ASP A 145 -11.70 6.87 -13.46
CA ASP A 145 -11.14 6.86 -14.79
C ASP A 145 -9.89 7.70 -14.96
N TYR A 146 -8.83 7.31 -14.27
CA TYR A 146 -7.57 7.99 -14.42
C TYR A 146 -6.44 7.03 -14.79
N PHE A 147 -5.34 7.59 -15.28
CA PHE A 147 -4.14 6.82 -15.58
C PHE A 147 -2.94 7.77 -15.68
N PRO A 148 -1.79 7.42 -15.13
CA PRO A 148 -1.48 6.20 -14.34
C PRO A 148 -1.79 6.49 -12.85
N GLU A 149 -1.42 5.54 -11.98
CA GLU A 149 -1.44 5.79 -10.54
C GLU A 149 -0.26 6.75 -10.23
N PRO A 150 -0.29 7.43 -9.09
CA PRO A 150 -1.33 7.41 -8.03
C PRO A 150 -2.21 8.66 -8.03
N VAL A 151 -3.30 8.57 -7.27
CA VAL A 151 -4.17 9.69 -6.94
C VAL A 151 -4.00 9.78 -5.42
N THR A 152 -3.96 11.01 -4.90
CA THR A 152 -3.99 11.19 -3.46
C THR A 152 -5.29 11.89 -3.13
N VAL A 153 -5.81 11.60 -1.94
CA VAL A 153 -7.04 12.25 -1.46
C VAL A 153 -6.85 12.69 -0.02
N SER A 154 -7.22 13.91 0.29
CA SER A 154 -7.27 14.41 1.66
C SER A 154 -8.70 14.96 1.86
N TRP A 155 -9.07 15.25 3.08
CA TRP A 155 -10.37 15.83 3.40
C TRP A 155 -10.18 17.13 4.12
N ASN A 156 -10.91 18.19 3.69
CA ASN A 156 -10.82 19.50 4.35
C ASN A 156 -9.41 20.01 4.45
N SER A 157 -8.67 19.83 3.37
CA SER A 157 -7.28 20.29 3.24
C SER A 157 -6.36 19.70 4.31
N GLY A 158 -6.63 18.46 4.69
CA GLY A 158 -5.86 17.75 5.71
C GLY A 158 -6.36 17.91 7.13
N ALA A 159 -7.35 18.80 7.37
CA ALA A 159 -7.88 18.99 8.73
C ALA A 159 -8.73 17.81 9.20
N LEU A 160 -9.29 17.03 8.26
CA LEU A 160 -10.12 15.91 8.61
C LEU A 160 -9.37 14.60 8.30
N THR A 161 -8.97 13.86 9.35
CA THR A 161 -8.25 12.60 9.17
C THR A 161 -8.90 11.44 9.88
N SER A 162 -9.53 11.70 11.02
CA SER A 162 -10.16 10.64 11.80
CA SER A 162 -10.19 10.67 11.82
C SER A 162 -11.35 10.08 11.05
N GLY A 163 -11.42 8.75 10.95
CA GLY A 163 -12.54 8.10 10.27
C GLY A 163 -12.47 8.04 8.76
N VAL A 164 -11.35 8.52 8.18
CA VAL A 164 -11.15 8.48 6.75
C VAL A 164 -10.62 7.10 6.31
N HIS A 165 -11.15 6.58 5.21
CA HIS A 165 -10.60 5.36 4.61
C HIS A 165 -10.46 5.61 3.11
N THR A 166 -9.24 5.71 2.58
CA THR A 166 -9.04 5.89 1.15
C THR A 166 -8.63 4.54 0.64
N PHE A 167 -9.47 3.93 -0.17
CA PHE A 167 -9.26 2.56 -0.60
C PHE A 167 -8.17 2.45 -1.66
N PRO A 168 -7.54 1.25 -1.80
CA PRO A 168 -6.62 1.04 -2.93
C PRO A 168 -7.36 1.22 -4.23
N ALA A 169 -6.67 1.78 -5.23
CA ALA A 169 -7.30 1.93 -6.54
C ALA A 169 -7.52 0.54 -7.16
N VAL A 170 -8.49 0.45 -8.03
CA VAL A 170 -8.78 -0.77 -8.77
C VAL A 170 -8.54 -0.47 -10.24
N LEU A 171 -8.04 -1.45 -10.99
CA LEU A 171 -7.84 -1.31 -12.41
C LEU A 171 -9.08 -1.86 -13.10
N GLN A 172 -9.76 -0.98 -13.85
CA GLN A 172 -10.99 -1.35 -14.55
C GLN A 172 -10.68 -2.03 -15.88
N SER A 173 -11.71 -2.65 -16.52
CA SER A 173 -11.54 -3.32 -17.81
C SER A 173 -11.04 -2.37 -18.89
N SER A 174 -11.46 -1.09 -18.82
CA SER A 174 -11.02 -0.04 -19.73
C SER A 174 -9.52 0.24 -19.72
N GLY A 175 -8.79 -0.26 -18.72
CA GLY A 175 -7.39 0.10 -18.55
C GLY A 175 -7.21 1.37 -17.72
N LEU A 176 -8.34 1.94 -17.20
CA LEU A 176 -8.27 3.13 -16.36
C LEU A 176 -8.51 2.75 -14.89
N TYR A 177 -7.90 3.46 -13.95
CA TYR A 177 -8.08 3.20 -12.52
C TYR A 177 -9.26 3.98 -11.95
N SER A 178 -9.74 3.52 -10.82
CA SER A 178 -10.77 4.21 -10.07
C SER A 178 -10.51 3.95 -8.59
N LEU A 179 -10.78 4.96 -7.76
CA LEU A 179 -10.69 4.75 -6.30
C LEU A 179 -11.75 5.52 -5.58
N SER A 180 -12.07 5.06 -4.38
CA SER A 180 -13.02 5.75 -3.52
C SER A 180 -12.35 6.12 -2.22
N SER A 181 -12.78 7.24 -1.65
CA SER A 181 -12.34 7.64 -0.34
C SER A 181 -13.63 7.93 0.41
N VAL A 182 -13.73 7.45 1.63
CA VAL A 182 -14.90 7.68 2.50
C VAL A 182 -14.48 8.23 3.87
N VAL A 183 -15.43 8.79 4.57
CA VAL A 183 -15.25 9.26 5.91
C VAL A 183 -16.56 9.12 6.65
N THR A 184 -16.46 8.75 7.93
CA THR A 184 -17.65 8.73 8.78
C THR A 184 -17.53 9.92 9.72
N VAL A 185 -18.63 10.66 9.86
CA VAL A 185 -18.64 11.84 10.71
C VAL A 185 -19.93 11.81 11.56
N PRO A 186 -20.02 12.65 12.58
CA PRO A 186 -21.29 12.71 13.35
C PRO A 186 -22.42 13.25 12.44
N SER A 187 -23.61 12.59 12.45
CA SER A 187 -24.81 13.02 11.71
C SER A 187 -25.16 14.46 12.03
N SER A 188 -24.96 14.86 13.31
CA SER A 188 -25.24 16.24 13.78
C SER A 188 -24.39 17.29 13.07
N SER A 189 -23.27 16.89 12.42
CA SER A 189 -22.39 17.87 11.74
C SER A 189 -22.78 18.15 10.29
N LEU A 190 -23.69 17.35 9.70
CA LEU A 190 -23.97 17.47 8.27
C LEU A 190 -24.53 18.82 7.81
N GLY A 191 -25.23 19.52 8.71
CA GLY A 191 -25.75 20.85 8.35
C GLY A 191 -24.82 22.00 8.69
N THR A 192 -23.77 21.77 9.51
CA THR A 192 -22.91 22.88 9.96
C THR A 192 -21.48 22.82 9.44
N GLN A 193 -21.02 21.64 9.04
CA GLN A 193 -19.64 21.47 8.61
C GLN A 193 -19.58 21.19 7.10
N THR A 194 -18.73 21.95 6.36
CA THR A 194 -18.54 21.66 4.94
C THR A 194 -17.54 20.51 4.83
N TYR A 195 -17.83 19.51 4.00
CA TYR A 195 -16.89 18.41 3.79
C TYR A 195 -16.44 18.47 2.34
N ILE A 196 -15.12 18.56 2.14
CA ILE A 196 -14.53 18.64 0.81
C ILE A 196 -13.47 17.57 0.65
N CYS A 197 -13.55 16.82 -0.43
CA CYS A 197 -12.48 15.86 -0.71
CA CYS A 197 -12.60 15.81 -0.78
C CYS A 197 -11.54 16.53 -1.70
N ASN A 198 -10.26 16.53 -1.33
CA ASN A 198 -9.24 17.18 -2.17
C ASN A 198 -8.54 16.08 -2.92
N VAL A 199 -8.73 16.05 -4.24
CA VAL A 199 -8.16 14.97 -5.07
C VAL A 199 -7.00 15.54 -5.89
N ASN A 200 -5.89 14.83 -5.89
CA ASN A 200 -4.73 15.29 -6.66
C ASN A 200 -4.25 14.13 -7.54
N HIS A 201 -4.20 14.35 -8.87
CA HIS A 201 -3.67 13.35 -9.79
C HIS A 201 -2.49 14.08 -10.44
N LYS A 202 -1.32 14.06 -9.81
CA LYS A 202 -0.15 14.81 -10.32
C LYS A 202 0.19 14.52 -11.80
N PRO A 203 0.11 13.27 -12.29
CA PRO A 203 0.46 13.02 -13.71
C PRO A 203 -0.28 13.85 -14.73
N SER A 204 -1.57 14.19 -14.45
CA SER A 204 -2.36 15.00 -15.36
C SER A 204 -2.60 16.42 -14.86
N ASN A 205 -1.91 16.87 -13.80
CA ASN A 205 -2.07 18.18 -13.17
C ASN A 205 -3.54 18.41 -12.76
N THR A 206 -4.25 17.35 -12.33
CA THR A 206 -5.66 17.49 -11.94
C THR A 206 -5.74 17.69 -10.46
N LYS A 207 -6.41 18.75 -10.05
CA LYS A 207 -6.62 19.07 -8.68
C LYS A 207 -8.09 19.39 -8.63
N VAL A 208 -8.88 18.58 -7.91
CA VAL A 208 -10.32 18.82 -7.77
C VAL A 208 -10.63 18.90 -6.29
N ASP A 209 -11.40 19.91 -5.86
CA ASP A 209 -11.81 20.01 -4.45
C ASP A 209 -13.31 19.92 -4.43
N LYS A 210 -13.82 18.68 -4.35
CA LYS A 210 -15.25 18.43 -4.45
C LYS A 210 -15.99 18.54 -3.11
N LYS A 211 -16.95 19.47 -3.04
CA LYS A 211 -17.78 19.58 -1.83
C LYS A 211 -18.81 18.43 -1.90
N VAL A 212 -18.97 17.70 -0.78
CA VAL A 212 -19.89 16.58 -0.67
C VAL A 212 -21.02 17.00 0.27
N GLU A 213 -22.22 17.21 -0.30
CA GLU A 213 -23.36 17.70 0.46
C GLU A 213 -24.43 16.62 0.63
N PRO A 214 -25.25 16.67 1.70
CA PRO A 214 -26.45 15.80 1.74
C PRO A 214 -27.36 16.20 0.56
N LYS A 215 -27.89 15.22 -0.21
CA LYS A 215 -28.70 15.55 -1.40
C LYS A 215 -30.16 15.90 -1.07
N ASP B 1 22.94 -18.60 -5.09
CA ASP B 1 22.54 -17.55 -4.13
C ASP B 1 22.09 -18.18 -2.80
N ILE B 2 21.95 -17.36 -1.76
CA ILE B 2 21.42 -17.83 -0.48
C ILE B 2 19.92 -17.63 -0.51
N VAL B 3 19.16 -18.73 -0.35
CA VAL B 3 17.70 -18.66 -0.35
C VAL B 3 17.21 -18.40 1.07
N MET B 4 16.37 -17.36 1.28
CA MET B 4 15.81 -17.04 2.58
C MET B 4 14.35 -17.47 2.56
N THR B 5 13.92 -18.22 3.56
CA THR B 5 12.57 -18.75 3.57
C THR B 5 11.82 -18.29 4.82
N GLN B 6 10.58 -17.80 4.68
CA GLN B 6 9.75 -17.49 5.84
C GLN B 6 8.54 -18.37 5.67
N ALA B 7 8.39 -19.35 6.56
CA ALA B 7 7.38 -20.39 6.46
C ALA B 7 5.95 -19.93 6.65
N ALA B 8 5.77 -18.83 7.34
CA ALA B 8 4.41 -18.33 7.58
C ALA B 8 4.15 -17.07 6.78
N PRO B 9 3.15 -17.04 5.88
CA PRO B 9 2.84 -15.78 5.18
C PRO B 9 2.17 -14.73 6.09
N SER B 10 1.55 -15.20 7.19
CA SER B 10 0.89 -14.33 8.17
C SER B 10 0.84 -15.04 9.51
N VAL B 11 0.80 -14.26 10.58
CA VAL B 11 0.62 -14.81 11.91
C VAL B 11 -0.34 -13.92 12.68
N PRO B 12 -1.41 -14.53 13.25
CA PRO B 12 -2.36 -13.75 14.02
C PRO B 12 -1.90 -13.63 15.49
N VAL B 13 -2.09 -12.43 16.08
CA VAL B 13 -1.69 -12.23 17.47
C VAL B 13 -2.65 -11.32 18.18
N THR B 14 -3.12 -11.74 19.38
CA THR B 14 -3.98 -10.86 20.16
C THR B 14 -3.11 -9.77 20.80
N PRO B 15 -3.52 -8.49 20.81
CA PRO B 15 -2.70 -7.47 21.50
C PRO B 15 -2.37 -7.85 22.95
N GLY B 16 -1.16 -7.54 23.36
CA GLY B 16 -0.66 -7.87 24.69
C GLY B 16 0.10 -9.18 24.72
N GLU B 17 -0.18 -10.08 23.77
CA GLU B 17 0.50 -11.38 23.72
C GLU B 17 1.82 -11.25 22.93
N SER B 18 2.66 -12.29 22.99
CA SER B 18 3.92 -12.32 22.27
C SER B 18 3.77 -13.12 20.99
N VAL B 19 4.65 -12.82 20.02
CA VAL B 19 4.65 -13.55 18.77
C VAL B 19 6.07 -13.82 18.31
N SER B 20 6.27 -14.95 17.62
CA SER B 20 7.56 -15.30 17.03
C SER B 20 7.35 -15.37 15.53
N ILE B 21 8.30 -14.84 14.78
CA ILE B 21 8.30 -14.94 13.31
C ILE B 21 9.59 -15.65 12.90
N SER B 22 9.48 -16.71 12.09
CA SER B 22 10.59 -17.56 11.69
C SER B 22 11.15 -17.21 10.32
N CYS B 23 12.43 -17.51 10.13
CA CYS B 23 13.16 -17.36 8.87
C CYS B 23 14.19 -18.49 8.85
N ARG B 24 14.50 -18.97 7.64
CA ARG B 24 15.54 -19.98 7.50
C ARG B 24 16.43 -19.56 6.32
N SER B 25 17.68 -19.99 6.35
CA SER B 25 18.58 -19.73 5.23
C SER B 25 19.13 -21.06 4.65
N SER B 26 19.47 -21.03 3.35
CA SER B 26 19.99 -22.24 2.67
C SER B 26 21.56 -22.44 2.84
N LYS B 27 22.18 -21.50 3.50
CA LYS B 27 23.57 -21.52 3.87
C LYS B 27 23.70 -20.83 5.23
N SER B 28 24.70 -21.23 6.03
CA SER B 28 24.97 -20.51 7.29
C SER B 28 25.28 -19.02 7.00
N LEU B 29 24.69 -18.15 7.80
CA LEU B 29 24.96 -16.70 7.71
C LEU B 29 26.10 -16.26 8.63
N LEU B 30 26.77 -17.24 9.30
CA LEU B 30 27.88 -16.98 10.20
C LEU B 30 29.09 -16.65 9.36
N HIS B 31 29.78 -15.60 9.75
CA HIS B 31 31.03 -15.20 9.11
C HIS B 31 32.19 -15.64 10.04
N SER B 32 33.42 -15.78 9.50
CA SER B 32 34.56 -16.15 10.36
C SER B 32 34.90 -15.05 11.41
N ASN B 33 34.40 -13.81 11.24
CA ASN B 33 34.56 -12.78 12.26
C ASN B 33 33.60 -13.01 13.48
N GLY B 34 32.77 -14.05 13.42
CA GLY B 34 31.90 -14.40 14.53
C GLY B 34 30.49 -13.84 14.45
N ASN B 35 30.22 -12.88 13.56
CA ASN B 35 28.89 -12.31 13.44
C ASN B 35 28.04 -13.11 12.48
N THR B 36 26.70 -13.08 12.65
CA THR B 36 25.81 -13.77 11.74
C THR B 36 25.04 -12.65 11.05
N TYR B 37 25.17 -12.58 9.71
CA TYR B 37 24.63 -11.44 8.96
C TYR B 37 23.20 -11.62 8.51
N LEU B 38 22.30 -11.68 9.51
CA LEU B 38 20.85 -11.83 9.31
C LEU B 38 20.23 -10.52 9.81
N PHE B 39 19.38 -9.91 9.00
CA PHE B 39 18.73 -8.64 9.44
C PHE B 39 17.21 -8.82 9.41
N TRP B 40 16.48 -8.13 10.30
CA TRP B 40 15.02 -8.13 10.26
C TRP B 40 14.56 -6.73 9.98
N PHE B 41 13.58 -6.60 9.07
CA PHE B 41 12.99 -5.32 8.71
C PHE B 41 11.48 -5.39 8.88
N LEU B 42 10.88 -4.22 9.15
CA LEU B 42 9.43 -4.08 9.19
C LEU B 42 9.10 -3.16 8.01
N GLN B 43 8.04 -3.47 7.28
CA GLN B 43 7.52 -2.55 6.30
C GLN B 43 6.02 -2.31 6.56
N ARG B 44 5.67 -1.07 6.86
CA ARG B 44 4.27 -0.67 7.02
C ARG B 44 3.74 -0.28 5.65
N PRO B 45 2.43 -0.40 5.44
CA PRO B 45 1.85 -0.08 4.14
C PRO B 45 2.11 1.35 3.70
N GLY B 46 2.53 1.50 2.45
CA GLY B 46 2.85 2.78 1.83
C GLY B 46 4.16 3.39 2.32
N GLN B 47 4.96 2.64 3.12
CA GLN B 47 6.20 3.21 3.65
C GLN B 47 7.44 2.43 3.19
N SER B 48 8.62 3.01 3.40
CA SER B 48 9.85 2.30 3.14
C SER B 48 10.09 1.27 4.28
N PRO B 49 10.87 0.20 4.03
CA PRO B 49 11.23 -0.70 5.13
C PRO B 49 12.07 0.01 6.22
N GLN B 50 12.01 -0.53 7.42
CA GLN B 50 12.74 0.01 8.54
C GLN B 50 13.44 -1.14 9.27
N VAL B 51 14.72 -0.94 9.61
CA VAL B 51 15.47 -2.01 10.26
C VAL B 51 15.03 -2.19 11.74
N LEU B 52 15.00 -3.44 12.17
CA LEU B 52 14.65 -3.78 13.56
C LEU B 52 15.84 -4.42 14.26
N ILE B 53 16.44 -5.41 13.60
CA ILE B 53 17.51 -6.23 14.19
C ILE B 53 18.67 -6.27 13.19
N TYR B 54 19.90 -6.08 13.71
CA TYR B 54 21.07 -6.22 12.86
C TYR B 54 21.96 -7.32 13.40
N ARG B 55 22.60 -8.04 12.49
CA ARG B 55 23.49 -9.14 12.85
C ARG B 55 22.85 -10.15 13.80
N MET B 56 21.62 -10.54 13.45
CA MET B 56 20.78 -11.60 14.00
C MET B 56 20.18 -11.33 15.35
N SER B 57 20.94 -10.75 16.28
CA SER B 57 20.47 -10.66 17.66
C SER B 57 20.64 -9.31 18.33
N ASN B 58 20.90 -8.26 17.56
CA ASN B 58 21.12 -6.95 18.11
C ASN B 58 19.98 -6.02 17.77
N LEU B 59 19.46 -5.32 18.77
CA LEU B 59 18.36 -4.38 18.53
C LEU B 59 18.89 -3.11 17.87
N ALA B 60 18.30 -2.69 16.72
CA ALA B 60 18.76 -1.48 16.05
C ALA B 60 18.37 -0.25 16.88
N SER B 61 19.15 0.79 16.72
CA SER B 61 18.96 2.07 17.39
CA SER B 61 18.94 2.04 17.43
C SER B 61 17.52 2.60 17.26
N GLY B 62 16.88 2.89 18.39
CA GLY B 62 15.54 3.47 18.38
C GLY B 62 14.40 2.48 18.32
N VAL B 63 14.70 1.16 18.13
CA VAL B 63 13.65 0.16 18.06
C VAL B 63 13.20 -0.21 19.48
N PRO B 64 11.88 -0.34 19.75
CA PRO B 64 11.44 -0.72 21.10
C PRO B 64 12.06 -2.01 21.61
N ASP B 65 12.30 -2.10 22.93
CA ASP B 65 12.93 -3.27 23.54
C ASP B 65 12.03 -4.52 23.53
N ARG B 66 10.76 -4.37 23.10
CA ARG B 66 9.88 -5.52 22.99
CA ARG B 66 9.81 -5.46 22.90
C ARG B 66 10.29 -6.40 21.79
N PHE B 67 11.17 -5.90 20.88
CA PHE B 67 11.69 -6.65 19.74
C PHE B 67 13.01 -7.30 20.10
N SER B 68 13.16 -8.56 19.76
CA SER B 68 14.41 -9.26 19.96
C SER B 68 14.62 -10.29 18.85
N GLY B 69 15.88 -10.62 18.59
CA GLY B 69 16.18 -11.63 17.58
C GLY B 69 17.15 -12.67 18.10
N SER B 70 17.02 -13.89 17.60
CA SER B 70 17.95 -14.97 17.93
C SER B 70 18.02 -15.95 16.76
N GLY B 71 18.96 -16.90 16.84
CA GLY B 71 19.06 -17.90 15.78
C GLY B 71 20.27 -18.76 15.86
N SER B 72 20.30 -19.74 14.99
CA SER B 72 21.32 -20.78 14.95
C SER B 72 22.41 -20.59 13.89
N GLY B 73 22.21 -19.68 12.95
CA GLY B 73 23.10 -19.55 11.80
C GLY B 73 22.36 -19.90 10.52
N THR B 74 21.35 -20.77 10.61
CA THR B 74 20.52 -21.20 9.49
C THR B 74 19.02 -21.08 9.81
N ALA B 75 18.63 -20.87 11.08
CA ALA B 75 17.20 -20.72 11.48
C ALA B 75 17.17 -19.56 12.46
N PHE B 76 16.24 -18.66 12.26
CA PHE B 76 16.20 -17.40 13.00
C PHE B 76 14.78 -17.07 13.46
N THR B 77 14.68 -16.38 14.58
CA THR B 77 13.37 -15.97 15.10
C THR B 77 13.38 -14.52 15.52
N LEU B 78 12.39 -13.76 15.08
CA LEU B 78 12.15 -12.39 15.54
C LEU B 78 11.04 -12.57 16.57
N ARG B 79 11.26 -12.07 17.78
CA ARG B 79 10.26 -12.21 18.84
C ARG B 79 9.75 -10.81 19.17
N ILE B 80 8.42 -10.67 19.22
CA ILE B 80 7.83 -9.38 19.59
C ILE B 80 7.01 -9.65 20.83
N SER B 81 7.35 -9.02 21.93
CA SER B 81 6.58 -9.17 23.17
C SER B 81 5.55 -8.02 23.29
N ARG B 82 4.43 -8.24 24.01
CA ARG B 82 3.38 -7.23 24.18
C ARG B 82 2.96 -6.55 22.90
N VAL B 83 2.60 -7.38 21.92
CA VAL B 83 2.18 -6.90 20.61
C VAL B 83 1.08 -5.82 20.68
N GLU B 84 1.30 -4.69 20.00
CA GLU B 84 0.35 -3.58 19.98
C GLU B 84 -0.41 -3.55 18.68
N ALA B 85 -1.56 -2.88 18.63
CA ALA B 85 -2.34 -2.73 17.40
C ALA B 85 -1.45 -2.09 16.27
N GLU B 86 -0.53 -1.19 16.69
CA GLU B 86 0.36 -0.48 15.76
C GLU B 86 1.45 -1.36 15.14
N ASP B 87 1.63 -2.60 15.65
CA ASP B 87 2.64 -3.51 15.08
C ASP B 87 2.22 -4.15 13.76
N VAL B 88 1.04 -3.84 13.22
CA VAL B 88 0.60 -4.40 11.95
C VAL B 88 1.56 -3.98 10.85
N GLY B 89 1.84 -4.92 9.97
CA GLY B 89 2.75 -4.71 8.86
C GLY B 89 3.40 -6.01 8.44
N VAL B 90 4.37 -5.92 7.53
CA VAL B 90 5.07 -7.11 7.05
C VAL B 90 6.50 -7.13 7.62
N TYR B 91 6.92 -8.30 8.14
CA TYR B 91 8.24 -8.47 8.69
C TYR B 91 9.07 -9.34 7.75
N TYR B 92 10.20 -8.82 7.29
CA TYR B 92 11.08 -9.54 6.37
C TYR B 92 12.45 -9.85 7.00
N CYS B 93 12.98 -11.05 6.76
CA CYS B 93 14.37 -11.29 7.08
C CYS B 93 15.18 -11.02 5.80
N MET B 94 16.47 -10.82 5.95
CA MET B 94 17.38 -10.54 4.84
CA MET B 94 17.36 -10.72 4.81
C MET B 94 18.79 -11.06 5.22
N GLN B 95 19.51 -11.68 4.28
CA GLN B 95 20.90 -12.01 4.56
C GLN B 95 21.76 -10.96 3.90
N HIS B 96 22.75 -10.51 4.65
CA HIS B 96 23.70 -9.49 4.21
C HIS B 96 25.10 -10.08 4.28
N LEU B 97 25.24 -11.42 4.10
CA LEU B 97 26.53 -12.08 4.14
C LEU B 97 27.18 -12.05 2.74
N GLU B 98 26.45 -12.54 1.70
CA GLU B 98 27.06 -12.71 0.35
C GLU B 98 26.22 -12.07 -0.72
N TYR B 99 26.88 -11.53 -1.74
CA TYR B 99 26.12 -10.99 -2.88
C TYR B 99 25.63 -12.21 -3.70
N PRO B 100 24.43 -12.14 -4.28
CA PRO B 100 23.48 -11.04 -4.15
C PRO B 100 22.78 -11.14 -2.77
N TYR B 101 22.52 -9.98 -2.14
CA TYR B 101 21.75 -10.01 -0.89
C TYR B 101 20.34 -10.48 -1.19
N THR B 102 19.77 -11.25 -0.29
CA THR B 102 18.43 -11.82 -0.54
C THR B 102 17.52 -11.68 0.65
N PHE B 103 16.24 -11.54 0.37
CA PHE B 103 15.17 -11.34 1.33
C PHE B 103 14.26 -12.53 1.41
N GLY B 104 13.72 -12.78 2.60
CA GLY B 104 12.65 -13.73 2.78
C GLY B 104 11.37 -13.11 2.21
N SER B 105 10.34 -13.93 1.97
CA SER B 105 9.10 -13.50 1.34
C SER B 105 8.17 -12.64 2.22
N GLY B 106 8.47 -12.52 3.50
CA GLY B 106 7.74 -11.66 4.44
C GLY B 106 6.66 -12.40 5.16
N THR B 107 6.44 -11.96 6.40
CA THR B 107 5.38 -12.50 7.24
C THR B 107 4.54 -11.32 7.70
N ARG B 108 3.24 -11.31 7.35
CA ARG B 108 2.36 -10.20 7.80
C ARG B 108 1.95 -10.47 9.26
N LEU B 109 1.93 -9.45 10.08
CA LEU B 109 1.45 -9.59 11.45
C LEU B 109 -0.01 -9.13 11.40
N GLU B 110 -0.94 -10.03 11.74
CA GLU B 110 -2.36 -9.72 11.76
CA GLU B 110 -2.36 -9.74 11.75
C GLU B 110 -2.82 -9.61 13.23
N ILE B 111 -3.43 -8.48 13.60
CA ILE B 111 -3.89 -8.28 14.96
C ILE B 111 -5.25 -8.96 15.12
N LYS B 112 -5.36 -9.85 16.10
CA LYS B 112 -6.60 -10.56 16.36
C LYS B 112 -7.43 -9.81 17.36
N ARG B 113 -8.34 -9.00 16.89
CA ARG B 113 -9.23 -8.23 17.74
C ARG B 113 -10.57 -8.97 17.87
N THR B 114 -11.53 -8.39 18.58
CA THR B 114 -12.86 -8.97 18.71
C THR B 114 -13.52 -8.98 17.32
N VAL B 115 -14.31 -10.00 16.99
CA VAL B 115 -15.05 -10.02 15.74
C VAL B 115 -16.04 -8.83 15.71
N ALA B 116 -16.04 -8.12 14.57
CA ALA B 116 -16.89 -6.97 14.40
C ALA B 116 -17.57 -6.99 13.06
N ALA B 117 -18.88 -6.94 13.08
CA ALA B 117 -19.66 -6.93 11.85
C ALA B 117 -19.51 -5.57 11.18
N PRO B 118 -19.55 -5.54 9.85
CA PRO B 118 -19.48 -4.25 9.16
C PRO B 118 -20.72 -3.40 9.32
N SER B 119 -20.51 -2.09 9.33
CA SER B 119 -21.55 -1.09 9.24
C SER B 119 -21.69 -0.87 7.73
N VAL B 120 -22.87 -1.18 7.16
CA VAL B 120 -23.04 -1.13 5.70
C VAL B 120 -23.76 0.14 5.23
N PHE B 121 -23.27 0.75 4.15
CA PHE B 121 -23.87 1.95 3.60
C PHE B 121 -23.95 1.79 2.10
N ILE B 122 -25.01 2.29 1.48
CA ILE B 122 -25.14 2.21 0.03
C ILE B 122 -25.30 3.62 -0.55
N PHE B 123 -24.64 3.87 -1.67
CA PHE B 123 -24.69 5.17 -2.31
C PHE B 123 -25.12 5.01 -3.74
N PRO B 124 -26.21 5.67 -4.13
CA PRO B 124 -26.60 5.67 -5.54
C PRO B 124 -25.59 6.46 -6.37
N PRO B 125 -25.64 6.32 -7.71
CA PRO B 125 -24.80 7.19 -8.56
C PRO B 125 -25.26 8.64 -8.40
N SER B 126 -24.29 9.55 -8.44
CA SER B 126 -24.59 10.98 -8.34
C SER B 126 -25.24 11.44 -9.65
N ASP B 127 -26.01 12.54 -9.61
CA ASP B 127 -26.58 13.11 -10.80
C ASP B 127 -25.47 13.60 -11.74
N GLU B 128 -24.37 14.12 -11.18
CA GLU B 128 -23.22 14.55 -11.99
C GLU B 128 -22.69 13.40 -12.85
N GLN B 129 -22.49 12.21 -12.26
CA GLN B 129 -22.03 11.07 -13.04
C GLN B 129 -23.06 10.63 -14.08
N LEU B 130 -24.35 10.59 -13.72
CA LEU B 130 -25.39 10.17 -14.67
C LEU B 130 -25.42 11.04 -15.93
N LYS B 131 -25.17 12.35 -15.82
CA LYS B 131 -25.10 13.21 -17.01
C LYS B 131 -24.03 12.74 -18.00
N SER B 132 -22.93 12.17 -17.48
CA SER B 132 -21.84 11.72 -18.32
C SER B 132 -22.07 10.35 -18.99
N GLY B 133 -23.18 9.67 -18.66
CA GLY B 133 -23.52 8.42 -19.30
C GLY B 133 -23.19 7.13 -18.59
N THR B 134 -22.66 7.20 -17.34
CA THR B 134 -22.31 5.99 -16.60
C THR B 134 -22.88 6.04 -15.19
N ALA B 135 -23.04 4.87 -14.56
CA ALA B 135 -23.58 4.80 -13.21
C ALA B 135 -22.72 3.87 -12.36
N SER B 136 -22.24 4.39 -11.23
CA SER B 136 -21.46 3.62 -10.29
C SER B 136 -22.28 3.58 -8.99
N VAL B 137 -22.62 2.37 -8.57
CA VAL B 137 -23.36 2.20 -7.32
C VAL B 137 -22.36 1.71 -6.33
N VAL B 138 -22.23 2.38 -5.19
CA VAL B 138 -21.20 1.99 -4.21
C VAL B 138 -21.79 1.42 -2.94
N CYS B 139 -21.25 0.27 -2.49
CA CYS B 139 -21.62 -0.34 -1.22
C CYS B 139 -20.36 -0.30 -0.31
N LEU B 140 -20.45 0.36 0.85
CA LEU B 140 -19.37 0.48 1.83
C LEU B 140 -19.59 -0.47 3.02
N LEU B 141 -18.59 -1.29 3.36
CA LEU B 141 -18.61 -2.16 4.55
C LEU B 141 -17.54 -1.56 5.43
N ASN B 142 -17.95 -0.97 6.55
CA ASN B 142 -17.01 -0.23 7.37
C ASN B 142 -16.67 -0.87 8.68
N ASN B 143 -15.34 -0.88 8.99
CA ASN B 143 -14.75 -1.21 10.26
C ASN B 143 -15.19 -2.55 10.80
N PHE B 144 -14.81 -3.60 10.07
CA PHE B 144 -15.16 -4.95 10.43
C PHE B 144 -13.91 -5.82 10.67
N TYR B 145 -14.15 -7.01 11.19
CA TYR B 145 -13.10 -7.97 11.47
C TYR B 145 -13.76 -9.31 11.65
N PRO B 146 -13.23 -10.40 11.06
CA PRO B 146 -12.02 -10.50 10.22
C PRO B 146 -12.22 -9.96 8.81
N ARG B 147 -11.13 -10.00 8.02
CA ARG B 147 -11.05 -9.49 6.67
C ARG B 147 -12.07 -10.09 5.73
N GLU B 148 -12.34 -11.38 5.85
CA GLU B 148 -13.23 -12.06 4.91
C GLU B 148 -14.63 -11.51 4.98
N ALA B 149 -15.18 -11.08 3.85
CA ALA B 149 -16.54 -10.56 3.78
C ALA B 149 -17.01 -10.69 2.35
N LYS B 150 -18.24 -11.16 2.15
CA LYS B 150 -18.78 -11.32 0.80
C LYS B 150 -19.86 -10.29 0.51
N VAL B 151 -19.79 -9.71 -0.67
CA VAL B 151 -20.78 -8.76 -1.11
C VAL B 151 -21.46 -9.26 -2.36
N GLN B 152 -22.78 -9.35 -2.33
CA GLN B 152 -23.60 -9.74 -3.47
C GLN B 152 -24.49 -8.56 -3.88
N TRP B 153 -24.54 -8.22 -5.17
CA TRP B 153 -25.42 -7.14 -5.64
C TRP B 153 -26.71 -7.72 -6.18
N LYS B 154 -27.83 -7.04 -5.93
CA LYS B 154 -29.11 -7.49 -6.43
C LYS B 154 -29.78 -6.29 -7.12
N VAL B 155 -30.24 -6.47 -8.37
CA VAL B 155 -30.90 -5.39 -9.10
C VAL B 155 -32.29 -5.90 -9.40
N ASP B 156 -33.31 -5.22 -8.85
CA ASP B 156 -34.70 -5.69 -8.88
C ASP B 156 -34.77 -7.12 -8.29
N ASN B 157 -34.02 -7.32 -7.18
CA ASN B 157 -33.88 -8.54 -6.39
C ASN B 157 -33.12 -9.65 -7.12
N ALA B 158 -32.60 -9.39 -8.37
CA ALA B 158 -31.87 -10.39 -9.17
C ALA B 158 -30.37 -10.35 -8.92
N LEU B 159 -29.78 -11.49 -8.52
CA LEU B 159 -28.35 -11.54 -8.22
C LEU B 159 -27.51 -11.20 -9.45
N GLN B 160 -26.57 -10.30 -9.26
CA GLN B 160 -25.67 -9.86 -10.30
C GLN B 160 -24.42 -10.70 -10.36
N SER B 161 -23.80 -10.69 -11.53
CA SER B 161 -22.57 -11.40 -11.81
C SER B 161 -21.78 -10.57 -12.85
N GLY B 162 -20.47 -10.54 -12.71
CA GLY B 162 -19.56 -9.95 -13.69
C GLY B 162 -19.45 -8.45 -13.80
N ASN B 163 -20.13 -7.71 -12.94
CA ASN B 163 -20.17 -6.25 -13.05
C ASN B 163 -19.81 -5.51 -11.79
N SER B 164 -19.12 -6.15 -10.83
CA SER B 164 -18.71 -5.43 -9.62
C SER B 164 -17.19 -5.54 -9.41
N GLN B 165 -16.63 -4.67 -8.58
CA GLN B 165 -15.22 -4.69 -8.25
C GLN B 165 -15.07 -4.18 -6.82
N GLU B 166 -14.27 -4.88 -6.01
CA GLU B 166 -14.05 -4.59 -4.59
C GLU B 166 -12.65 -4.18 -4.28
N SER B 167 -12.49 -3.31 -3.30
CA SER B 167 -11.21 -2.87 -2.79
C SER B 167 -11.30 -2.95 -1.24
N VAL B 168 -10.21 -3.42 -0.57
CA VAL B 168 -10.17 -3.56 0.89
CA VAL B 168 -10.18 -3.51 0.90
C VAL B 168 -9.00 -2.74 1.44
N THR B 169 -9.18 -2.07 2.61
CA THR B 169 -8.08 -1.33 3.21
C THR B 169 -7.11 -2.29 3.93
N GLU B 170 -5.93 -1.76 4.32
CA GLU B 170 -5.02 -2.53 5.15
C GLU B 170 -5.64 -2.46 6.58
N GLN B 171 -5.29 -3.43 7.42
CA GLN B 171 -5.78 -3.46 8.81
C GLN B 171 -5.41 -2.15 9.54
N ASP B 172 -6.40 -1.49 10.11
CA ASP B 172 -6.20 -0.19 10.76
C ASP B 172 -5.20 -0.32 11.92
N SER B 173 -4.23 0.60 11.98
CA SER B 173 -3.19 0.55 13.01
C SER B 173 -3.70 0.88 14.42
N LYS B 174 -4.90 1.48 14.56
CA LYS B 174 -5.43 1.79 15.88
C LYS B 174 -6.53 0.82 16.33
N ASP B 175 -7.55 0.60 15.48
CA ASP B 175 -8.69 -0.23 15.90
C ASP B 175 -8.65 -1.64 15.31
N SER B 176 -7.66 -1.94 14.45
CA SER B 176 -7.48 -3.30 13.92
C SER B 176 -8.61 -3.82 13.05
N THR B 177 -9.39 -2.94 12.47
CA THR B 177 -10.45 -3.34 11.55
C THR B 177 -10.05 -3.17 10.07
N TYR B 178 -10.88 -3.68 9.16
CA TYR B 178 -10.78 -3.50 7.74
C TYR B 178 -12.05 -2.76 7.28
N SER B 179 -11.95 -2.14 6.13
CA SER B 179 -13.09 -1.58 5.44
C SER B 179 -13.02 -2.05 3.98
N LEU B 180 -14.17 -2.15 3.35
CA LEU B 180 -14.28 -2.64 2.01
C LEU B 180 -15.27 -1.81 1.21
N SER B 181 -14.92 -1.54 -0.06
CA SER B 181 -15.88 -0.89 -0.95
C SER B 181 -16.16 -1.78 -2.16
N SER B 182 -17.41 -1.93 -2.55
CA SER B 182 -17.80 -2.68 -3.75
C SER B 182 -18.49 -1.70 -4.70
N THR B 183 -18.11 -1.67 -5.97
CA THR B 183 -18.73 -0.77 -6.94
C THR B 183 -19.37 -1.60 -8.02
N LEU B 184 -20.65 -1.33 -8.28
CA LEU B 184 -21.41 -1.99 -9.35
C LEU B 184 -21.44 -0.96 -10.47
N THR B 185 -20.95 -1.30 -11.69
CA THR B 185 -20.89 -0.34 -12.80
C THR B 185 -21.83 -0.78 -13.94
N LEU B 186 -22.67 0.16 -14.36
CA LEU B 186 -23.63 -0.02 -15.44
C LEU B 186 -23.59 1.23 -16.29
N SER B 187 -24.12 1.16 -17.53
CA SER B 187 -24.30 2.38 -18.31
C SER B 187 -25.49 3.13 -17.69
N LYS B 188 -25.62 4.44 -17.96
CA LYS B 188 -26.75 5.22 -17.47
C LYS B 188 -28.06 4.64 -18.07
N ALA B 189 -28.02 4.23 -19.35
CA ALA B 189 -29.22 3.68 -20.00
C ALA B 189 -29.67 2.40 -19.28
N ASP B 190 -28.75 1.50 -18.94
CA ASP B 190 -29.14 0.27 -18.24
C ASP B 190 -29.52 0.53 -16.79
N TYR B 191 -28.84 1.50 -16.13
CA TYR B 191 -29.18 1.86 -14.74
C TYR B 191 -30.67 2.33 -14.63
N GLU B 192 -31.13 3.08 -15.62
CA GLU B 192 -32.50 3.61 -15.62
C GLU B 192 -33.59 2.60 -15.99
N LYS B 193 -33.23 1.35 -16.36
CA LYS B 193 -34.22 0.30 -16.65
C LYS B 193 -34.64 -0.47 -15.36
N HIS B 194 -34.04 -0.14 -14.20
CA HIS B 194 -34.31 -0.87 -12.98
C HIS B 194 -34.65 0.03 -11.82
N LYS B 195 -35.41 -0.46 -10.86
CA LYS B 195 -35.84 0.36 -9.74
C LYS B 195 -35.07 0.09 -8.44
N VAL B 196 -34.91 -1.16 -8.08
CA VAL B 196 -34.29 -1.49 -6.81
C VAL B 196 -32.85 -1.93 -6.91
N TYR B 197 -31.97 -1.28 -6.14
CA TYR B 197 -30.55 -1.64 -6.09
C TYR B 197 -30.21 -2.03 -4.66
N ALA B 198 -29.66 -3.21 -4.45
CA ALA B 198 -29.29 -3.65 -3.11
C ALA B 198 -27.91 -4.32 -3.02
N CYS B 199 -27.22 -4.14 -1.89
CA CYS B 199 -26.01 -4.90 -1.62
C CYS B 199 -26.24 -5.75 -0.40
N GLU B 200 -25.97 -7.04 -0.51
CA GLU B 200 -26.16 -8.03 0.56
C GLU B 200 -24.80 -8.44 1.05
N VAL B 201 -24.60 -8.37 2.36
CA VAL B 201 -23.30 -8.61 2.94
C VAL B 201 -23.32 -9.77 3.88
N THR B 202 -22.36 -10.68 3.71
CA THR B 202 -22.13 -11.87 4.51
C THR B 202 -20.83 -11.68 5.26
N HIS B 203 -20.85 -11.91 6.58
CA HIS B 203 -19.66 -11.75 7.40
C HIS B 203 -19.87 -12.54 8.68
N GLN B 204 -18.76 -13.07 9.23
CA GLN B 204 -18.74 -13.83 10.47
C GLN B 204 -19.49 -13.15 11.63
N GLY B 205 -19.43 -11.82 11.70
CA GLY B 205 -20.07 -11.06 12.76
C GLY B 205 -21.57 -10.87 12.62
N LEU B 206 -22.15 -11.38 11.52
CA LEU B 206 -23.58 -11.27 11.25
C LEU B 206 -24.20 -12.66 11.31
N SER B 207 -25.32 -12.82 12.02
CA SER B 207 -25.98 -14.14 12.09
C SER B 207 -26.67 -14.50 10.77
N SER B 208 -27.12 -13.49 10.04
CA SER B 208 -27.72 -13.63 8.71
C SER B 208 -27.30 -12.43 7.85
N PRO B 209 -27.25 -12.58 6.53
CA PRO B 209 -26.84 -11.46 5.67
C PRO B 209 -27.59 -10.14 5.90
N VAL B 210 -26.86 -9.02 5.82
CA VAL B 210 -27.42 -7.68 5.97
C VAL B 210 -27.61 -7.11 4.57
N THR B 211 -28.76 -6.49 4.29
CA THR B 211 -28.98 -5.87 3.00
C THR B 211 -29.19 -4.38 3.18
N LYS B 212 -28.58 -3.57 2.31
CA LYS B 212 -28.85 -2.15 2.28
C LYS B 212 -29.34 -1.91 0.87
N SER B 213 -30.34 -1.04 0.71
CA SER B 213 -30.88 -0.83 -0.62
C SER B 213 -31.44 0.54 -0.83
N PHE B 214 -31.68 0.87 -2.10
CA PHE B 214 -32.39 2.10 -2.42
C PHE B 214 -33.27 1.87 -3.64
N ASN B 215 -34.29 2.73 -3.80
CA ASN B 215 -35.16 2.73 -4.96
C ASN B 215 -34.68 3.91 -5.81
N ARG B 216 -34.38 3.67 -7.09
CA ARG B 216 -33.89 4.72 -8.00
C ARG B 216 -34.84 5.90 -8.07
N GLY B 217 -34.32 7.09 -7.78
CA GLY B 217 -35.12 8.31 -7.76
C GLY B 217 -35.73 8.66 -6.41
N GLU B 218 -35.36 7.89 -5.36
CA GLU B 218 -35.82 8.02 -3.97
C GLU B 218 -37.34 7.99 -3.83
C1 EDO C . -5.90 3.91 -20.62
O1 EDO C . -4.96 3.09 -19.94
C2 EDO C . -5.25 5.06 -21.36
O2 EDO C . -4.90 6.11 -20.49
C1 EDO D . 18.61 -3.31 2.18
O1 EDO D . 19.32 -3.47 0.98
C2 EDO D . 19.50 -2.67 3.20
O2 EDO D . 20.65 -3.46 3.49
P PO4 E . 30.82 -2.42 -3.68
O1 PO4 E . 30.77 -2.70 -2.19
O2 PO4 E . 30.59 -3.74 -4.45
O3 PO4 E . 29.71 -1.42 -4.05
O4 PO4 E . 32.18 -1.83 -4.07
C1 EDO F . 11.50 -14.67 -1.13
O1 EDO F . 10.96 -15.74 -1.90
C2 EDO F . 11.43 -13.37 -1.88
O2 EDO F . 10.09 -12.93 -2.08
N1 EPE G . 31.15 -8.31 1.33
C2 EPE G . 32.16 -8.17 2.42
C3 EPE G . 31.67 -7.11 3.41
N4 EPE G . 31.47 -5.80 2.71
C5 EPE G . 30.52 -5.94 1.56
C6 EPE G . 31.03 -7.00 0.60
C7 EPE G . 30.98 -4.77 3.69
C8 EPE G . 31.02 -3.36 3.13
O8 EPE G . 30.51 -2.43 4.07
C9 EPE G . 31.46 -9.46 0.42
C10 EPE G . 30.25 -10.06 -0.27
S EPE G . 30.80 -11.48 -1.17
O1S EPE G . 30.92 -12.56 -0.23
O2S EPE G . 32.03 -11.11 -1.83
O3S EPE G . 29.73 -11.76 -2.16
N1 A1IKQ H . 23.26 -0.59 14.15
C7 A1IKQ H . 23.31 -1.23 10.79
C8 A1IKQ H . 21.90 -1.16 10.20
N2 A1IKQ H . 23.28 0.29 16.35
C9 A1IKQ H . 22.21 0.26 12.01
O1 A1IKQ H . 27.52 -2.83 12.02
C1 A1IKQ H . 30.53 -8.15 6.54
O5 A1IKQ H . 21.41 0.34 15.07
C5 A1IKQ H . 28.69 -3.62 9.20
C6 A1IKQ H . 24.39 -1.86 9.97
N3 A1IKQ H . 25.16 0.10 17.67
C4 A1IKQ H . 28.25 -4.97 8.64
O4 A1IKQ H . 23.18 -1.84 12.11
C3 A1IKQ H . 28.70 -4.92 7.19
O3 A1IKQ H . 21.22 -0.24 11.09
C2 A1IKQ H . 30.26 -6.88 6.90
N4 A1IKQ H . 27.17 6.93 16.42
O19 A1IKQ H . 29.58 -10.07 5.53
C39 A1IKQ H . 29.50 -8.90 5.85
C A1IKQ H . 31.83 -8.84 6.86
N12 A1IKQ H . 28.32 -8.21 5.62
C38 A1IKQ H . 28.04 -6.91 5.97
O18 A1IKQ H . 26.97 -6.38 5.71
N A1IKQ H . 29.05 -6.26 6.65
O17 A1IKQ H . 29.85 -4.12 7.18
C36 A1IKQ H . 29.65 -3.05 8.13
C37 A1IKQ H . 31.00 -2.62 8.68
O16 A1IKQ H . 31.57 -1.59 7.88
O A1IKQ H . 27.50 -2.80 9.50
P A1IKQ H . 26.66 -3.04 10.83
S A1IKQ H . 25.77 -4.85 10.62
O2 A1IKQ H . 25.59 -1.90 10.76
C16 A1IKQ H . 23.51 0.23 11.21
C10 A1IKQ H . 22.48 -0.93 12.95
C15 A1IKQ H . 22.60 0.05 15.20
C14 A1IKQ H . 24.57 -0.09 16.48
C12 A1IKQ H . 25.29 -0.73 15.40
C13 A1IKQ H . 26.73 -1.13 15.57
C11 A1IKQ H . 24.59 -0.95 14.28
O6 A1IKQ H . 23.50 1.15 10.09
P1 A1IKQ H . 24.44 2.44 10.05
O7 A1IKQ H . 24.03 3.19 8.83
S1 A1IKQ H . 26.28 1.93 10.29
O8 A1IKQ H . 24.01 3.20 11.35
C17 A1IKQ H . 22.73 3.84 11.49
C18 A1IKQ H . 22.50 4.32 12.91
C21 A1IKQ H . 23.47 5.39 13.36
C20 A1IKQ H . 23.34 5.28 14.86
C19 A1IKQ H . 23.35 3.78 15.03
N7 A1IKQ H . 24.69 3.22 15.17
C35 A1IKQ H . 25.44 3.24 16.32
N11 A1IKQ H . 25.08 3.71 17.52
C34 A1IKQ H . 26.08 3.60 18.40
N10 A1IKQ H . 27.31 3.10 18.23
C33 A1IKQ H . 27.64 2.63 17.01
N9 A1IKQ H . 28.89 2.15 16.83
C32 A1IKQ H . 26.68 2.68 15.99
N8 A1IKQ H . 26.69 2.31 14.65
C31 A1IKQ H . 25.50 2.65 14.22
O9 A1IKQ H . 22.74 3.24 13.85
O10 A1IKQ H . 23.07 6.70 12.83
P2 A1IKQ H . 24.05 7.82 12.37
O11 A1IKQ H . 23.35 8.94 11.67
S2 A1IKQ H . 25.61 7.12 11.46
O12 A1IKQ H . 24.50 8.36 13.79
C22 A1IKQ H . 23.68 8.96 14.81
C23 A1IKQ H . 24.51 9.11 16.05
C26 A1IKQ H . 25.77 9.94 15.87
O14 A1IKQ H . 25.50 11.31 16.13
C25 A1IKQ H . 26.71 9.36 16.91
C24 A1IKQ H . 26.27 7.91 17.07
O13 A1IKQ H . 24.98 7.80 16.45
C30 A1IKQ H . 28.20 6.37 17.20
O15 A1IKQ H . 28.21 6.58 18.42
N5 A1IKQ H . 29.13 5.58 16.58
C29 A1IKQ H . 29.02 5.30 15.27
N6 A1IKQ H . 29.97 4.54 14.72
C28 A1IKQ H . 27.95 5.82 14.48
C27 A1IKQ H . 27.06 6.63 15.08
#